data_5GVT
#
_entry.id   5GVT
#
_cell.length_a   72.231
_cell.length_b   85.556
_cell.length_c   109.229
_cell.angle_alpha   90.00
_cell.angle_beta   90.00
_cell.angle_gamma   90.00
#
_symmetry.space_group_name_H-M   'P 21 21 21'
#
loop_
_entity.id
_entity.type
_entity.pdbx_description
1 polymer 'Plasma kallikrein'
2 non-polymer beta-D-mannopyranose
3 non-polymer alpha-D-mannopyranose
4 water water
#
_entity_poly.entity_id   1
_entity_poly.type   'polypeptide(L)'
_entity_poly.pdbx_seq_one_letter_code
;IVGGTNASLGEWPWQVSLQVKLVSQTHLCGGSIIGRQWVLTAAHCFDGIPYPDVWRIYGGILSLSEITKETPSSRIKELI
IHQEYKVSEGNYDIALIKLQTPLNYTEFQKPISLPSKADTNTIYTNCWVTGWGYTKEQGETQNILQKATIPLVPNEECQK
KYRDYVINKQMICAGYKEGGTDACKGDSGGPLVCKHSGRWQLVGITSWGEGCARKDQPGVYTKVSEYMDWILEKTQSSDV
RALETSSAVD
;
_entity_poly.pdbx_strand_id   A,B
#
loop_
_chem_comp.id
_chem_comp.type
_chem_comp.name
_chem_comp.formula
BMA D-saccharide, beta linking beta-D-mannopyranose 'C6 H12 O6'
MAN D-saccharide, alpha linking alpha-D-mannopyranose 'C6 H12 O6'
#
# COMPACT_ATOMS: atom_id res chain seq x y z
N ILE A 1 19.76 -19.92 -4.24
CA ILE A 1 18.65 -20.70 -4.71
C ILE A 1 19.11 -22.04 -5.20
N VAL A 2 18.72 -23.08 -4.48
CA VAL A 2 19.06 -24.41 -4.87
C VAL A 2 17.95 -24.91 -5.74
N GLY A 3 18.32 -25.47 -6.88
CA GLY A 3 17.34 -26.02 -7.77
C GLY A 3 16.67 -24.97 -8.64
N GLY A 4 17.37 -23.85 -8.84
CA GLY A 4 16.88 -22.79 -9.71
C GLY A 4 17.55 -22.66 -11.07
N THR A 5 17.35 -21.49 -11.66
CA THR A 5 17.70 -21.19 -13.04
C THR A 5 17.85 -19.66 -13.12
N ASN A 6 18.61 -19.14 -14.08
CA ASN A 6 18.76 -17.68 -14.22
C ASN A 6 17.45 -16.90 -14.30
N ALA A 7 17.39 -15.73 -13.65
CA ALA A 7 16.30 -14.80 -13.89
C ALA A 7 16.67 -14.03 -15.13
N SER A 8 15.68 -13.40 -15.76
CA SER A 8 15.92 -12.44 -16.86
C SER A 8 15.95 -11.02 -16.31
N LEU A 9 16.46 -10.08 -17.09
CA LEU A 9 16.38 -8.69 -16.67
C LEU A 9 14.91 -8.27 -16.66
N GLY A 10 14.52 -7.46 -15.67
CA GLY A 10 13.17 -6.96 -15.60
C GLY A 10 12.10 -7.94 -15.13
N GLU A 11 12.49 -9.20 -14.94
CA GLU A 11 11.57 -10.21 -14.48
C GLU A 11 11.12 -10.02 -13.03
N TRP A 12 12.06 -9.66 -12.17
CA TRP A 12 11.77 -9.46 -10.76
C TRP A 12 12.26 -8.08 -10.30
N PRO A 13 11.56 -7.03 -10.73
CA PRO A 13 12.10 -5.68 -10.56
C PRO A 13 12.02 -5.14 -9.13
N TRP A 14 11.43 -5.87 -8.19
CA TRP A 14 11.45 -5.46 -6.79
C TRP A 14 12.65 -6.01 -6.01
N GLN A 15 13.42 -6.89 -6.64
CA GLN A 15 14.49 -7.57 -5.92
C GLN A 15 15.71 -6.67 -5.78
N VAL A 16 16.25 -6.55 -4.56
CA VAL A 16 17.41 -5.71 -4.35
C VAL A 16 18.50 -6.52 -3.67
N SER A 17 19.75 -6.09 -3.75
CA SER A 17 20.85 -6.80 -3.11
C SER A 17 21.35 -5.95 -1.96
N LEU A 18 21.51 -6.52 -0.77
CA LEU A 18 21.94 -5.73 0.37
C LEU A 18 23.40 -6.06 0.64
N GLN A 19 24.25 -5.06 0.53
CA GLN A 19 25.67 -5.30 0.66
C GLN A 19 26.37 -4.51 1.71
N VAL A 20 27.53 -4.97 2.13
CA VAL A 20 28.31 -4.29 3.13
C VAL A 20 29.76 -4.25 2.72
N LYS A 21 30.44 -3.18 3.12
CA LYS A 21 31.85 -3.07 2.79
C LYS A 21 32.64 -3.47 3.96
N LEU A 22 32.98 -4.74 3.95
CA LEU A 22 33.90 -5.32 4.86
C LEU A 22 34.83 -5.95 3.86
N VAL A 23 36.13 -5.68 3.93
CA VAL A 23 37.05 -6.02 2.85
C VAL A 23 36.57 -5.41 1.53
N SER A 24 36.39 -6.23 0.51
CA SER A 24 35.66 -5.80 -0.66
C SER A 24 34.17 -5.75 -0.34
N GLN A 25 33.43 -4.92 -1.04
CA GLN A 25 32.01 -4.86 -0.83
C GLN A 25 31.37 -6.18 -1.19
N THR A 26 30.45 -6.65 -0.36
CA THR A 26 29.95 -7.99 -0.43
C THR A 26 28.46 -8.11 -0.26
N HIS A 27 27.84 -8.99 -1.02
CA HIS A 27 26.42 -9.21 -0.94
C HIS A 27 26.09 -10.05 0.27
N LEU A 28 25.18 -9.61 1.10
CA LEU A 28 24.82 -10.38 2.29
C LEU A 28 23.35 -10.82 2.35
N CYS A 29 22.43 -9.97 1.87
CA CYS A 29 21.00 -10.30 1.90
C CYS A 29 20.25 -9.84 0.68
N GLY A 30 19.00 -10.27 0.56
CA GLY A 30 18.12 -9.75 -0.47
C GLY A 30 17.06 -8.91 0.19
N GLY A 31 16.19 -8.31 -0.62
CA GLY A 31 15.12 -7.50 -0.08
C GLY A 31 14.14 -7.15 -1.19
N SER A 32 13.07 -6.49 -0.82
CA SER A 32 12.03 -6.26 -1.77
C SER A 32 11.64 -4.81 -1.68
N ILE A 33 11.66 -4.14 -2.83
CA ILE A 33 11.18 -2.77 -2.88
C ILE A 33 9.68 -2.81 -2.66
N ILE A 34 9.16 -2.06 -1.69
CA ILE A 34 7.71 -1.98 -1.57
C ILE A 34 7.18 -0.59 -1.73
N GLY A 35 8.09 0.38 -1.87
CA GLY A 35 7.69 1.74 -2.20
C GLY A 35 8.91 2.55 -2.65
N ARG A 36 8.74 3.85 -2.89
CA ARG A 36 9.86 4.61 -3.41
C ARG A 36 10.94 4.74 -2.36
N GLN A 37 10.54 4.78 -1.10
CA GLN A 37 11.58 4.86 -0.09
C GLN A 37 11.55 3.71 0.91
N TRP A 38 10.83 2.63 0.59
CA TRP A 38 10.70 1.51 1.51
C TRP A 38 11.15 0.19 0.94
N VAL A 39 11.98 -0.52 1.70
CA VAL A 39 12.46 -1.86 1.38
C VAL A 39 12.18 -2.83 2.54
N LEU A 40 11.60 -3.99 2.22
CA LEU A 40 11.24 -5.01 3.21
C LEU A 40 12.26 -6.14 3.21
N THR A 41 12.74 -6.56 4.37
CA THR A 41 13.77 -7.60 4.38
C THR A 41 13.69 -8.47 5.64
N ALA A 42 14.70 -9.30 5.91
CA ALA A 42 14.68 -10.12 7.13
C ALA A 42 15.49 -9.43 8.19
N ALA A 43 15.07 -9.53 9.43
CA ALA A 43 15.74 -8.79 10.48
C ALA A 43 17.04 -9.47 10.86
N HIS A 44 17.10 -10.79 10.68
CA HIS A 44 18.31 -11.53 11.04
C HIS A 44 19.47 -11.21 10.10
N CYS A 45 19.21 -10.44 9.06
CA CYS A 45 20.28 -10.01 8.14
C CYS A 45 21.21 -9.07 8.86
N PHE A 46 20.73 -8.47 9.93
CA PHE A 46 21.53 -7.48 10.63
C PHE A 46 22.05 -8.05 11.93
N ASP A 47 22.03 -9.37 12.06
CA ASP A 47 22.35 -9.94 13.35
C ASP A 47 23.79 -9.64 13.69
N GLY A 48 24.68 -9.83 12.71
CA GLY A 48 26.09 -9.57 12.93
C GLY A 48 26.59 -8.16 12.63
N ILE A 49 25.84 -7.39 11.82
CA ILE A 49 26.28 -6.03 11.48
C ILE A 49 25.13 -5.04 11.63
N PRO A 50 24.69 -4.85 12.87
CA PRO A 50 23.53 -4.00 13.14
C PRO A 50 23.91 -2.53 13.12
N TYR A 51 24.61 -2.11 12.08
CA TYR A 51 24.97 -0.71 11.93
C TYR A 51 24.47 -0.25 10.57
N PRO A 52 23.42 0.52 10.52
CA PRO A 52 22.76 0.88 9.28
C PRO A 52 23.63 1.63 8.29
N ASP A 53 24.51 2.48 8.77
CA ASP A 53 25.27 3.36 7.92
C ASP A 53 26.12 2.60 6.96
N VAL A 54 26.53 1.42 7.39
CA VAL A 54 27.37 0.51 6.62
C VAL A 54 26.81 -0.19 5.37
N TRP A 55 25.49 -0.35 5.26
CA TRP A 55 24.85 -1.16 4.22
C TRP A 55 24.64 -0.44 2.91
N ARG A 56 24.89 -1.08 1.77
CA ARG A 56 24.51 -0.46 0.51
C ARG A 56 23.39 -1.29 -0.11
N ILE A 57 22.43 -0.63 -0.73
CA ILE A 57 21.27 -1.31 -1.32
C ILE A 57 21.26 -1.09 -2.84
N TYR A 58 21.20 -2.17 -3.62
CA TYR A 58 21.21 -2.05 -5.08
C TYR A 58 20.02 -2.73 -5.72
N GLY A 59 19.39 -2.06 -6.68
CA GLY A 59 18.26 -2.59 -7.40
C GLY A 59 18.45 -2.47 -8.89
N GLY A 60 17.51 -2.99 -9.66
CA GLY A 60 17.53 -2.88 -11.10
C GLY A 60 18.69 -3.59 -11.77
N ILE A 61 19.35 -4.50 -11.07
CA ILE A 61 20.42 -5.30 -11.68
C ILE A 61 20.12 -6.81 -11.73
N LEU A 62 20.76 -7.50 -12.68
CA LEU A 62 20.64 -8.95 -12.81
C LEU A 62 21.89 -9.59 -12.29
N SER A 63 23.04 -9.05 -12.70
CA SER A 63 24.35 -9.59 -12.29
C SER A 63 25.03 -8.74 -11.24
N LEU A 64 25.50 -9.34 -10.16
CA LEU A 64 26.12 -8.50 -9.13
C LEU A 64 27.41 -7.86 -9.65
N SER A 65 27.94 -8.40 -10.75
CA SER A 65 29.15 -7.87 -11.36
C SER A 65 28.88 -6.52 -12.02
N GLU A 66 27.64 -6.30 -12.49
CA GLU A 66 27.21 -4.99 -12.96
C GLU A 66 27.58 -3.88 -11.96
N ILE A 67 27.56 -4.23 -10.68
CA ILE A 67 27.87 -3.30 -9.60
C ILE A 67 29.34 -2.91 -9.55
N THR A 68 29.65 -1.72 -10.02
CA THR A 68 30.97 -1.15 -9.79
C THR A 68 30.84 -0.10 -8.71
N LYS A 69 31.96 0.35 -8.17
CA LYS A 69 31.89 1.35 -7.11
C LYS A 69 31.56 2.74 -7.67
N GLU A 70 31.14 2.81 -8.93
CA GLU A 70 30.66 4.05 -9.51
C GLU A 70 29.16 4.02 -9.78
N THR A 71 28.55 2.84 -9.72
CA THR A 71 27.07 2.74 -9.74
C THR A 71 26.49 3.27 -8.44
N PRO A 72 25.42 4.07 -8.53
CA PRO A 72 24.77 4.65 -7.33
C PRO A 72 23.94 3.65 -6.52
N SER A 73 24.19 3.64 -5.22
CA SER A 73 23.47 2.78 -4.32
C SER A 73 22.54 3.57 -3.43
N SER A 74 21.49 2.94 -2.93
CA SER A 74 20.63 3.59 -1.96
C SER A 74 21.22 3.34 -0.58
N ARG A 75 20.94 4.22 0.37
CA ARG A 75 21.48 4.06 1.72
C ARG A 75 20.34 3.96 2.75
N ILE A 76 20.62 3.49 3.96
CA ILE A 76 19.59 3.39 4.99
C ILE A 76 19.45 4.65 5.86
N LYS A 77 18.34 5.37 5.68
CA LYS A 77 18.00 6.47 6.58
C LYS A 77 17.55 5.90 7.90
N GLU A 78 16.72 4.86 7.86
CA GLU A 78 16.14 4.28 9.06
C GLU A 78 15.98 2.76 8.96
N LEU A 79 16.47 2.05 9.99
CA LEU A 79 16.31 0.61 10.09
C LEU A 79 15.30 0.25 11.18
N ILE A 80 14.10 -0.22 10.77
CA ILE A 80 13.06 -0.57 11.74
C ILE A 80 12.93 -2.09 11.83
N ILE A 81 13.64 -2.67 12.80
CA ILE A 81 13.50 -4.08 13.07
C ILE A 81 12.32 -4.23 14.00
N HIS A 82 11.48 -5.22 13.76
CA HIS A 82 10.34 -5.44 14.62
C HIS A 82 10.69 -5.48 16.11
N GLN A 83 9.88 -4.76 16.88
CA GLN A 83 10.05 -4.60 18.32
C GLN A 83 10.34 -5.86 19.09
N GLU A 84 9.66 -6.94 18.71
CA GLU A 84 9.74 -8.23 19.42
C GLU A 84 10.80 -9.20 18.90
N TYR A 85 11.60 -8.78 17.94
CA TYR A 85 12.53 -9.72 17.36
C TYR A 85 13.72 -9.84 18.32
N LYS A 86 14.24 -11.06 18.48
CA LYS A 86 15.39 -11.34 19.33
C LYS A 86 16.43 -12.06 18.47
N VAL A 87 17.71 -11.89 18.79
CA VAL A 87 18.73 -12.13 17.77
C VAL A 87 18.85 -13.58 17.32
N SER A 88 19.17 -14.48 18.21
CA SER A 88 19.29 -15.87 17.82
C SER A 88 17.96 -16.49 17.40
N GLU A 89 16.92 -16.10 18.11
CA GLU A 89 15.58 -16.61 17.94
C GLU A 89 14.99 -16.34 16.58
N GLY A 90 14.12 -17.22 16.13
CA GLY A 90 13.53 -17.09 14.81
C GLY A 90 12.20 -16.46 14.58
N ASN A 91 11.63 -15.81 15.56
CA ASN A 91 10.32 -15.20 15.37
C ASN A 91 10.40 -13.75 14.96
N TYR A 92 9.27 -13.19 14.56
CA TYR A 92 9.20 -11.78 14.19
C TYR A 92 10.36 -11.39 13.26
N ASP A 93 10.77 -12.29 12.38
CA ASP A 93 11.98 -12.03 11.62
C ASP A 93 11.64 -11.19 10.43
N ILE A 94 11.53 -9.88 10.67
CA ILE A 94 11.14 -8.92 9.64
C ILE A 94 11.73 -7.55 9.97
N ALA A 95 12.07 -6.78 8.94
CA ALA A 95 12.62 -5.43 9.13
C ALA A 95 12.22 -4.50 7.97
N LEU A 96 11.88 -3.26 8.31
CA LEU A 96 11.62 -2.23 7.30
C LEU A 96 12.83 -1.34 7.12
N ILE A 97 13.21 -1.08 5.89
CA ILE A 97 14.28 -0.15 5.64
C ILE A 97 13.69 1.12 5.02
N LYS A 98 13.90 2.27 5.66
CA LYS A 98 13.53 3.53 5.02
C LYS A 98 14.75 4.06 4.35
N LEU A 99 14.69 4.21 3.02
CA LEU A 99 15.84 4.68 2.26
C LEU A 99 16.09 6.19 2.45
N GLN A 100 17.37 6.58 2.43
CA GLN A 100 17.77 7.98 2.50
C GLN A 100 17.14 8.80 1.37
N THR A 101 17.05 8.20 0.20
CA THR A 101 16.60 8.87 -0.99
C THR A 101 15.62 8.01 -1.78
N PRO A 102 14.46 8.58 -2.12
CA PRO A 102 13.48 8.02 -3.06
C PRO A 102 14.11 7.35 -4.28
N LEU A 103 13.66 6.17 -4.64
CA LEU A 103 14.09 5.49 -5.83
C LEU A 103 13.36 5.97 -7.06
N ASN A 104 13.93 5.74 -8.23
CA ASN A 104 13.23 6.05 -9.46
C ASN A 104 12.75 4.78 -10.06
N TYR A 105 11.44 4.67 -10.25
CA TYR A 105 10.89 3.46 -10.79
C TYR A 105 11.27 3.40 -12.23
N THR A 106 11.55 2.20 -12.71
CA THR A 106 11.90 2.03 -14.11
C THR A 106 11.34 0.71 -14.56
N GLU A 107 11.76 0.27 -15.74
CA GLU A 107 11.43 -1.06 -16.21
C GLU A 107 12.05 -2.12 -15.30
N PHE A 108 13.24 -1.85 -14.76
CA PHE A 108 13.96 -2.88 -14.01
C PHE A 108 13.91 -2.69 -12.51
N GLN A 109 13.18 -1.68 -12.07
CA GLN A 109 13.16 -1.34 -10.67
C GLN A 109 11.76 -0.89 -10.31
N LYS A 110 10.95 -1.83 -9.81
CA LYS A 110 9.53 -1.58 -9.51
C LYS A 110 9.25 -2.10 -8.11
N PRO A 111 8.22 -1.58 -7.45
CA PRO A 111 7.85 -2.14 -6.15
C PRO A 111 6.92 -3.32 -6.32
N ILE A 112 6.73 -4.12 -5.29
CA ILE A 112 5.82 -5.24 -5.40
C ILE A 112 4.63 -5.06 -4.46
N SER A 113 3.42 -5.38 -4.92
CA SER A 113 2.23 -5.25 -4.09
C SER A 113 2.30 -6.12 -2.83
N LEU A 114 1.73 -5.63 -1.74
CA LEU A 114 1.64 -6.41 -0.53
C LEU A 114 0.26 -7.04 -0.48
N PRO A 115 0.11 -8.13 0.26
CA PRO A 115 -1.23 -8.73 0.32
C PRO A 115 -2.15 -7.96 1.25
N SER A 116 -3.44 -8.00 0.97
CA SER A 116 -4.42 -7.38 1.88
C SER A 116 -4.89 -8.35 2.96
N LYS A 117 -5.21 -7.81 4.14
CA LYS A 117 -5.79 -8.65 5.19
C LYS A 117 -7.01 -9.40 4.66
N ALA A 118 -7.61 -8.89 3.59
CA ALA A 118 -8.78 -9.53 2.97
C ALA A 118 -8.38 -10.54 1.94
N ASP A 119 -7.07 -10.76 1.79
CA ASP A 119 -6.54 -11.81 0.89
C ASP A 119 -6.13 -13.07 1.63
N THR A 120 -6.30 -13.10 2.96
CA THR A 120 -5.64 -14.11 3.79
C THR A 120 -6.26 -15.51 3.70
N ASN A 121 -7.32 -15.68 2.92
CA ASN A 121 -7.84 -17.01 2.66
C ASN A 121 -7.36 -17.55 1.32
N THR A 122 -6.83 -16.66 0.47
CA THR A 122 -6.29 -17.00 -0.85
C THR A 122 -5.39 -18.24 -0.82
N ILE A 123 -5.63 -19.16 -1.74
CA ILE A 123 -4.73 -20.30 -1.94
C ILE A 123 -3.84 -20.05 -3.17
N TYR A 124 -2.55 -19.86 -2.93
CA TYR A 124 -1.61 -19.48 -3.99
C TYR A 124 -0.97 -20.70 -4.65
N THR A 125 -1.00 -20.75 -5.98
CA THR A 125 -0.62 -21.96 -6.71
C THR A 125 0.64 -21.79 -7.53
N ASN A 126 1.16 -20.55 -7.57
CA ASN A 126 2.21 -20.19 -8.50
C ASN A 126 3.25 -19.30 -7.82
N CYS A 127 4.16 -19.91 -7.09
CA CYS A 127 5.00 -19.18 -6.18
C CYS A 127 6.47 -19.30 -6.54
N TRP A 128 7.22 -18.21 -6.29
CA TRP A 128 8.61 -18.13 -6.70
C TRP A 128 9.53 -17.51 -5.64
N VAL A 129 10.73 -18.05 -5.51
CA VAL A 129 11.79 -17.42 -4.71
C VAL A 129 12.90 -16.99 -5.64
N THR A 130 13.55 -15.88 -5.33
CA THR A 130 14.65 -15.44 -6.15
C THR A 130 15.81 -14.95 -5.28
N GLY A 131 17.03 -15.06 -5.80
CA GLY A 131 18.16 -14.62 -5.01
C GLY A 131 19.52 -14.87 -5.61
N TRP A 132 20.55 -14.42 -4.92
CA TRP A 132 21.92 -14.51 -5.37
C TRP A 132 22.66 -15.44 -4.43
N GLY A 133 21.90 -16.19 -3.64
CA GLY A 133 22.47 -17.07 -2.64
C GLY A 133 23.17 -18.26 -3.27
N TYR A 134 23.76 -19.12 -2.43
CA TYR A 134 24.37 -20.37 -2.89
C TYR A 134 23.41 -21.21 -3.74
N THR A 135 23.95 -21.99 -4.67
CA THR A 135 23.11 -22.94 -5.38
C THR A 135 23.33 -24.37 -4.90
N LYS A 136 24.30 -24.55 -4.02
CA LYS A 136 24.43 -25.84 -3.36
C LYS A 136 24.76 -25.59 -1.91
N GLU A 137 24.58 -26.56 -1.04
CA GLU A 137 24.74 -26.28 0.38
C GLU A 137 26.03 -25.60 0.75
N GLN A 138 27.18 -26.02 0.23
CA GLN A 138 28.41 -25.31 0.51
C GLN A 138 28.71 -24.83 -0.85
N GLY A 139 28.71 -23.53 -1.04
CA GLY A 139 28.91 -22.98 -2.34
C GLY A 139 29.26 -21.53 -2.32
N GLU A 140 29.12 -20.89 -3.45
CA GLU A 140 29.46 -19.50 -3.55
C GLU A 140 28.27 -18.66 -3.94
N THR A 141 28.33 -17.39 -3.60
CA THR A 141 27.31 -16.46 -3.93
C THR A 141 27.27 -16.43 -5.41
N GLN A 142 26.08 -16.30 -5.98
CA GLN A 142 25.91 -16.31 -7.41
C GLN A 142 25.91 -14.96 -8.06
N ASN A 143 26.58 -14.86 -9.18
CA ASN A 143 26.63 -13.64 -9.95
C ASN A 143 25.28 -13.29 -10.56
N ILE A 144 24.61 -14.28 -11.11
CA ILE A 144 23.33 -14.03 -11.77
C ILE A 144 22.16 -14.43 -10.89
N LEU A 145 21.25 -13.47 -10.68
CA LEU A 145 20.01 -13.72 -9.94
C LEU A 145 19.34 -15.05 -10.31
N GLN A 146 19.06 -15.86 -9.30
CA GLN A 146 18.39 -17.12 -9.53
C GLN A 146 16.89 -17.02 -9.24
N LYS A 147 16.09 -17.84 -9.93
CA LYS A 147 14.69 -18.01 -9.61
C LYS A 147 14.36 -19.49 -9.46
N ALA A 148 13.35 -19.80 -8.66
CA ALA A 148 12.90 -21.16 -8.42
C ALA A 148 11.43 -21.14 -8.04
N THR A 149 10.66 -22.10 -8.53
CA THR A 149 9.25 -22.15 -8.15
C THR A 149 9.08 -23.30 -7.21
N ILE A 150 8.13 -23.18 -6.29
CA ILE A 150 8.16 -23.96 -5.06
C ILE A 150 6.78 -23.89 -4.41
N PRO A 151 6.27 -25.02 -3.93
CA PRO A 151 4.86 -24.98 -3.52
C PRO A 151 4.69 -24.70 -2.03
N LEU A 152 3.60 -24.03 -1.67
CA LEU A 152 3.32 -23.78 -0.26
C LEU A 152 2.98 -25.09 0.45
N VAL A 153 3.50 -25.26 1.65
CA VAL A 153 3.27 -26.43 2.45
C VAL A 153 2.52 -25.96 3.69
N PRO A 154 1.29 -26.45 3.90
CA PRO A 154 0.46 -25.87 4.97
C PRO A 154 1.08 -26.02 6.35
N ASN A 155 0.71 -25.10 7.23
CA ASN A 155 1.28 -24.96 8.56
C ASN A 155 1.46 -26.32 9.27
N GLU A 156 0.36 -26.98 9.58
CA GLU A 156 0.39 -28.20 10.37
C GLU A 156 1.29 -29.27 9.83
N GLU A 157 1.29 -29.48 8.54
CA GLU A 157 2.19 -30.50 8.01
C GLU A 157 3.61 -30.00 8.10
N CYS A 158 3.83 -28.69 7.98
CA CYS A 158 5.18 -28.16 8.14
C CYS A 158 5.69 -28.30 9.57
N GLN A 159 4.81 -28.07 10.55
CA GLN A 159 5.18 -28.29 11.95
C GLN A 159 5.61 -29.73 12.20
N LYS A 160 4.81 -30.68 11.70
CA LYS A 160 5.13 -32.12 11.73
C LYS A 160 6.56 -32.36 11.28
N LYS A 161 6.97 -31.62 10.26
CA LYS A 161 8.25 -31.84 9.63
C LYS A 161 9.42 -31.31 10.46
N TYR A 162 9.13 -30.35 11.33
CA TYR A 162 10.15 -29.72 12.17
C TYR A 162 9.86 -30.00 13.65
N ARG A 163 10.36 -31.11 14.17
CA ARG A 163 10.01 -31.54 15.52
C ARG A 163 10.53 -30.63 16.62
N ASP A 164 11.69 -30.00 16.40
CA ASP A 164 12.36 -29.26 17.47
C ASP A 164 11.93 -27.81 17.62
N TYR A 165 11.56 -27.20 16.50
CA TYR A 165 11.19 -25.80 16.53
C TYR A 165 9.69 -25.61 16.48
N VAL A 166 9.24 -24.41 16.80
CA VAL A 166 7.83 -24.12 16.76
C VAL A 166 7.50 -23.22 15.57
N ILE A 167 6.66 -23.76 14.69
CA ILE A 167 6.26 -23.12 13.44
C ILE A 167 4.94 -22.41 13.64
N ASN A 168 4.96 -21.13 13.96
CA ASN A 168 3.70 -20.48 14.32
C ASN A 168 2.92 -19.92 13.14
N LYS A 169 1.87 -19.16 13.42
CA LYS A 169 1.00 -18.67 12.36
C LYS A 169 1.69 -17.58 11.57
N GLN A 170 2.71 -16.97 12.17
CA GLN A 170 3.44 -15.89 11.52
C GLN A 170 4.42 -16.40 10.43
N MET A 171 4.47 -17.70 10.25
CA MET A 171 5.39 -18.27 9.29
C MET A 171 4.63 -19.00 8.19
N ILE A 172 5.34 -19.48 7.21
CA ILE A 172 4.72 -20.03 6.03
C ILE A 172 5.79 -20.91 5.41
N CYS A 173 5.42 -22.11 4.98
CA CYS A 173 6.44 -23.10 4.64
C CYS A 173 6.36 -23.45 3.17
N ALA A 174 7.50 -23.57 2.50
CA ALA A 174 7.49 -23.95 1.08
C ALA A 174 8.60 -24.92 0.76
N GLY A 175 8.29 -25.94 -0.05
CA GLY A 175 9.27 -26.92 -0.46
C GLY A 175 8.61 -28.16 -1.05
N TYR A 176 9.42 -29.06 -1.62
CA TYR A 176 8.95 -30.34 -2.10
C TYR A 176 9.28 -31.39 -1.06
N LYS A 177 8.49 -32.47 -0.99
CA LYS A 177 8.77 -33.54 -0.04
C LYS A 177 10.16 -34.12 -0.29
N GLU A 178 10.52 -34.36 -1.55
CA GLU A 178 11.86 -34.87 -1.85
C GLU A 178 12.98 -33.86 -1.51
N GLY A 179 12.62 -32.60 -1.30
CA GLY A 179 13.62 -31.57 -1.12
C GLY A 179 14.21 -31.15 -2.46
N GLY A 180 15.34 -30.47 -2.43
CA GLY A 180 16.10 -30.24 -3.64
C GLY A 180 15.87 -28.94 -4.35
N THR A 181 14.98 -28.12 -3.80
CA THR A 181 14.63 -26.83 -4.42
C THR A 181 14.32 -25.84 -3.32
N ASP A 182 15.24 -24.92 -3.07
CA ASP A 182 15.16 -24.17 -1.84
C ASP A 182 15.92 -22.85 -1.89
N ALA A 183 15.75 -22.04 -0.86
CA ALA A 183 16.61 -20.89 -0.70
C ALA A 183 17.84 -21.35 0.08
N CYS A 184 18.96 -20.70 -0.19
CA CYS A 184 20.21 -21.04 0.44
C CYS A 184 20.85 -19.75 1.02
N LYS A 185 22.02 -19.91 1.63
CA LYS A 185 22.77 -18.80 2.25
C LYS A 185 22.94 -17.68 1.25
N GLY A 186 22.47 -16.47 1.57
CA GLY A 186 22.56 -15.34 0.66
C GLY A 186 21.20 -14.94 0.09
N ASP A 187 20.20 -15.79 0.32
CA ASP A 187 18.87 -15.47 -0.15
C ASP A 187 18.04 -14.85 0.95
N SER A 188 18.49 -14.96 2.20
CA SER A 188 17.75 -14.39 3.32
C SER A 188 17.24 -12.98 3.06
N GLY A 189 16.02 -12.73 3.52
CA GLY A 189 15.47 -11.41 3.42
C GLY A 189 14.90 -11.14 2.04
N GLY A 190 15.06 -12.07 1.11
CA GLY A 190 14.50 -11.86 -0.21
C GLY A 190 13.03 -12.26 -0.28
N PRO A 191 12.41 -12.02 -1.44
CA PRO A 191 10.98 -12.24 -1.64
C PRO A 191 10.60 -13.70 -1.93
N LEU A 192 9.51 -14.15 -1.33
CA LEU A 192 8.75 -15.25 -1.88
C LEU A 192 7.50 -14.61 -2.45
N VAL A 193 7.28 -14.72 -3.76
CA VAL A 193 6.14 -14.06 -4.42
C VAL A 193 5.19 -15.06 -5.09
N CYS A 194 3.94 -14.67 -5.30
CA CYS A 194 2.94 -15.57 -5.88
C CYS A 194 2.07 -14.81 -6.85
N LYS A 195 1.81 -15.40 -8.01
CA LYS A 195 0.90 -14.75 -8.93
C LYS A 195 -0.52 -15.16 -8.54
N HIS A 196 -1.34 -14.16 -8.27
CA HIS A 196 -2.76 -14.39 -8.08
C HIS A 196 -3.49 -13.27 -8.81
N SER A 197 -4.60 -13.61 -9.44
CA SER A 197 -5.17 -12.76 -10.48
C SER A 197 -4.08 -12.58 -11.53
N GLY A 198 -3.86 -11.37 -12.02
CA GLY A 198 -2.76 -11.16 -12.94
C GLY A 198 -1.60 -10.54 -12.20
N ARG A 199 -1.70 -10.55 -10.88
CA ARG A 199 -0.90 -9.70 -10.00
C ARG A 199 0.15 -10.48 -9.16
N TRP A 200 1.39 -10.01 -9.17
CA TRP A 200 2.38 -10.54 -8.22
C TRP A 200 2.13 -9.97 -6.82
N GLN A 201 2.28 -10.81 -5.79
CA GLN A 201 2.16 -10.32 -4.41
C GLN A 201 3.32 -10.78 -3.58
N LEU A 202 3.78 -9.93 -2.66
CA LEU A 202 4.78 -10.38 -1.71
C LEU A 202 4.11 -11.18 -0.61
N VAL A 203 4.28 -12.50 -0.65
CA VAL A 203 3.65 -13.35 0.35
C VAL A 203 4.58 -13.74 1.51
N GLY A 204 5.88 -13.90 1.21
CA GLY A 204 6.85 -14.15 2.26
C GLY A 204 8.19 -13.45 2.14
N ILE A 205 9.00 -13.55 3.19
CA ILE A 205 10.37 -13.07 3.19
C ILE A 205 11.26 -14.24 3.62
N THR A 206 12.30 -14.56 2.87
CA THR A 206 13.09 -15.72 3.20
C THR A 206 13.68 -15.56 4.57
N SER A 207 13.55 -16.57 5.39
CA SER A 207 13.93 -16.47 6.75
C SER A 207 14.89 -17.53 7.15
N TRP A 208 14.48 -18.32 8.12
CA TRP A 208 15.28 -19.38 8.61
C TRP A 208 15.23 -20.63 7.81
N GLY A 209 16.17 -21.46 8.16
CA GLY A 209 16.23 -22.87 7.91
C GLY A 209 17.59 -23.03 7.35
N GLU A 210 17.71 -22.57 6.11
CA GLU A 210 18.89 -22.73 5.30
C GLU A 210 19.48 -24.09 5.50
N GLY A 211 18.61 -25.09 5.51
CA GLY A 211 19.04 -26.44 5.33
C GLY A 211 19.43 -26.44 3.88
N CYS A 212 18.95 -25.48 3.11
CA CYS A 212 19.42 -25.51 1.75
C CYS A 212 19.00 -26.78 1.00
N ALA A 213 17.70 -27.08 0.99
CA ALA A 213 17.17 -28.14 0.14
C ALA A 213 17.38 -29.58 0.65
N ARG A 214 17.21 -29.77 1.95
CA ARG A 214 17.18 -31.10 2.51
C ARG A 214 15.83 -31.74 2.38
N LYS A 215 15.79 -33.05 2.42
CA LYS A 215 14.57 -33.82 2.27
C LYS A 215 13.52 -33.47 3.32
N ASP A 216 12.33 -33.07 2.88
CA ASP A 216 11.23 -32.93 3.80
C ASP A 216 11.52 -31.91 4.88
N GLN A 217 12.25 -30.86 4.54
CA GLN A 217 12.52 -29.77 5.49
C GLN A 217 12.32 -28.44 4.79
N PRO A 218 11.07 -28.10 4.48
CA PRO A 218 10.73 -26.89 3.71
C PRO A 218 11.39 -25.64 4.26
N GLY A 219 11.86 -24.77 3.38
CA GLY A 219 12.26 -23.44 3.79
C GLY A 219 11.14 -22.80 4.57
N VAL A 220 11.50 -22.00 5.58
CA VAL A 220 10.51 -21.27 6.36
C VAL A 220 10.60 -19.80 6.07
N TYR A 221 9.44 -19.16 5.90
CA TYR A 221 9.35 -17.79 5.42
C TYR A 221 8.51 -16.92 6.35
N THR A 222 8.93 -15.68 6.57
CA THR A 222 8.08 -14.79 7.33
C THR A 222 6.79 -14.49 6.56
N LYS A 223 5.64 -14.71 7.18
CA LYS A 223 4.37 -14.48 6.49
C LYS A 223 4.01 -13.00 6.47
N VAL A 224 4.12 -12.38 5.31
CA VAL A 224 4.00 -10.95 5.23
C VAL A 224 2.63 -10.45 5.70
N SER A 225 1.55 -11.11 5.27
CA SER A 225 0.20 -10.61 5.56
C SER A 225 0.00 -10.52 7.06
N GLU A 226 0.69 -11.36 7.79
CA GLU A 226 0.65 -11.28 9.24
C GLU A 226 1.13 -9.93 9.77
N TYR A 227 1.88 -9.15 8.98
CA TYR A 227 2.47 -7.92 9.49
C TYR A 227 1.93 -6.61 8.90
N MET A 228 0.90 -6.70 8.07
CA MET A 228 0.27 -5.50 7.51
C MET A 228 0.00 -4.37 8.50
N ASP A 229 -0.52 -4.66 9.69
CA ASP A 229 -0.76 -3.60 10.68
C ASP A 229 0.57 -2.95 11.02
N TRP A 230 1.55 -3.79 11.33
CA TRP A 230 2.88 -3.31 11.62
C TRP A 230 3.41 -2.43 10.50
N ILE A 231 3.36 -2.95 9.27
CA ILE A 231 3.82 -2.16 8.15
C ILE A 231 3.05 -0.84 8.03
N LEU A 232 1.72 -0.91 8.08
CA LEU A 232 0.91 0.30 7.98
C LEU A 232 1.29 1.29 9.06
N GLU A 233 1.52 0.77 10.27
CA GLU A 233 1.89 1.61 11.37
C GLU A 233 3.24 2.27 11.11
N LYS A 234 4.25 1.49 10.70
CA LYS A 234 5.57 2.06 10.52
C LYS A 234 5.73 2.94 9.28
N THR A 235 5.00 2.64 8.20
CA THR A 235 5.08 3.49 6.98
C THR A 235 4.08 4.65 7.00
N GLN A 236 3.60 4.95 8.20
CA GLN A 236 2.48 5.86 8.53
C GLN A 236 1.13 5.62 7.82
N ILE B 1 -12.66 18.75 7.90
CA ILE B 1 -12.53 20.02 7.20
C ILE B 1 -12.07 21.09 8.14
N VAL B 2 -11.11 21.91 7.72
CA VAL B 2 -10.66 22.97 8.59
C VAL B 2 -10.36 24.26 7.85
N GLY B 3 -10.87 25.36 8.40
CA GLY B 3 -10.75 26.65 7.77
C GLY B 3 -12.09 27.02 7.24
N GLY B 4 -13.11 26.26 7.58
CA GLY B 4 -14.37 26.49 6.90
C GLY B 4 -15.68 26.42 7.65
N THR B 5 -16.67 27.07 7.05
CA THR B 5 -18.02 27.24 7.59
C THR B 5 -18.94 26.03 7.53
N ASN B 6 -19.96 26.05 8.39
CA ASN B 6 -20.93 24.97 8.50
C ASN B 6 -21.85 24.80 7.29
N ALA B 7 -22.33 23.58 7.09
CA ALA B 7 -23.12 23.13 5.90
C ALA B 7 -24.65 23.22 5.97
N SER B 8 -25.21 23.98 5.00
CA SER B 8 -26.66 23.98 4.71
C SER B 8 -27.08 22.59 4.32
N LEU B 9 -28.31 22.22 4.62
CA LEU B 9 -28.74 20.93 4.12
C LEU B 9 -29.02 21.02 2.59
N GLY B 10 -28.78 19.93 1.88
CA GLY B 10 -29.06 19.86 0.46
C GLY B 10 -28.08 20.53 -0.50
N GLU B 11 -27.22 21.30 0.09
CA GLU B 11 -26.20 22.08 -0.56
C GLU B 11 -25.24 21.17 -1.29
N TRP B 12 -24.92 20.03 -0.72
CA TRP B 12 -24.02 19.09 -1.37
C TRP B 12 -24.65 17.73 -1.26
N PRO B 13 -25.62 17.49 -2.21
CA PRO B 13 -26.31 16.20 -2.05
C PRO B 13 -25.51 14.97 -2.35
N TRP B 14 -24.38 15.11 -2.98
CA TRP B 14 -23.60 13.93 -3.33
C TRP B 14 -22.72 13.40 -2.20
N GLN B 15 -22.41 14.25 -1.23
CA GLN B 15 -21.58 13.85 -0.09
C GLN B 15 -22.20 12.70 0.74
N VAL B 16 -21.43 11.63 0.97
CA VAL B 16 -21.82 10.51 1.85
C VAL B 16 -20.85 10.37 3.03
N SER B 17 -21.26 9.68 4.10
CA SER B 17 -20.27 9.33 5.11
C SER B 17 -20.09 7.81 5.08
N LEU B 18 -18.83 7.40 4.95
CA LEU B 18 -18.53 5.98 5.00
C LEU B 18 -18.29 5.64 6.46
N GLN B 19 -18.92 4.59 6.95
CA GLN B 19 -18.76 4.21 8.33
C GLN B 19 -18.58 2.73 8.39
N VAL B 20 -17.85 2.27 9.39
CA VAL B 20 -17.59 0.85 9.52
C VAL B 20 -18.51 0.17 10.52
N LYS B 21 -18.67 0.74 11.70
CA LYS B 21 -19.57 0.13 12.65
C LYS B 21 -19.35 -1.38 12.88
N LEU B 22 -18.23 -1.77 13.50
CA LEU B 22 -17.97 -3.18 13.74
C LEU B 22 -19.00 -3.80 14.66
N VAL B 23 -19.25 -3.14 15.77
CA VAL B 23 -20.29 -3.54 16.73
C VAL B 23 -21.16 -2.31 16.93
N SER B 24 -20.53 -1.13 16.76
CA SER B 24 -21.12 0.18 16.80
C SER B 24 -20.37 0.90 15.69
N GLN B 25 -21.03 1.87 15.10
CA GLN B 25 -20.52 2.65 13.98
C GLN B 25 -19.54 3.76 14.31
N THR B 26 -18.90 4.29 13.27
CA THR B 26 -17.95 5.39 13.38
C THR B 26 -17.66 5.96 11.99
N HIS B 27 -17.65 7.28 11.84
CA HIS B 27 -17.41 7.89 10.55
C HIS B 27 -15.93 7.83 10.32
N LEU B 28 -15.51 7.16 9.26
CA LEU B 28 -14.09 7.05 8.96
C LEU B 28 -13.67 7.91 7.77
N CYS B 29 -14.57 8.03 6.79
CA CYS B 29 -14.24 8.64 5.51
C CYS B 29 -15.45 9.23 4.78
N GLY B 30 -15.15 10.13 3.85
CA GLY B 30 -16.15 10.69 2.96
C GLY B 30 -16.15 10.02 1.60
N GLY B 31 -17.07 10.46 0.73
CA GLY B 31 -17.21 9.89 -0.60
C GLY B 31 -18.23 10.66 -1.40
N SER B 32 -18.33 10.32 -2.68
CA SER B 32 -19.21 11.05 -3.56
C SER B 32 -20.12 10.10 -4.31
N ILE B 33 -21.42 10.42 -4.36
CA ILE B 33 -22.31 9.62 -5.19
C ILE B 33 -22.02 9.97 -6.63
N ILE B 34 -21.80 8.99 -7.49
CA ILE B 34 -21.60 9.31 -8.92
C ILE B 34 -22.54 8.51 -9.81
N GLY B 35 -23.29 7.59 -9.20
CA GLY B 35 -24.17 6.72 -9.95
C GLY B 35 -25.18 6.22 -8.95
N ARG B 36 -26.26 5.61 -9.40
CA ARG B 36 -27.25 5.08 -8.48
C ARG B 36 -26.63 4.02 -7.57
N GLN B 37 -25.72 3.21 -8.09
CA GLN B 37 -25.07 2.19 -7.26
C GLN B 37 -23.55 2.34 -7.22
N TRP B 38 -23.08 3.58 -7.24
CA TRP B 38 -21.64 3.83 -7.29
C TRP B 38 -21.24 5.03 -6.44
N VAL B 39 -20.23 4.83 -5.60
CA VAL B 39 -19.62 5.89 -4.79
C VAL B 39 -18.12 5.93 -5.08
N LEU B 40 -17.57 7.12 -5.18
CA LEU B 40 -16.16 7.29 -5.46
C LEU B 40 -15.51 7.89 -4.23
N THR B 41 -14.34 7.36 -3.88
CA THR B 41 -13.68 7.70 -2.62
C THR B 41 -12.18 7.36 -2.77
N ALA B 42 -11.42 7.47 -1.68
CA ALA B 42 -9.97 7.26 -1.74
C ALA B 42 -9.62 5.84 -1.35
N ALA B 43 -8.73 5.20 -2.12
CA ALA B 43 -8.24 3.85 -1.77
C ALA B 43 -7.73 3.70 -0.33
N HIS B 44 -6.99 4.70 0.14
CA HIS B 44 -6.32 4.57 1.42
C HIS B 44 -7.30 4.51 2.58
N CYS B 45 -8.55 4.87 2.35
CA CYS B 45 -9.55 4.77 3.39
C CYS B 45 -9.72 3.35 3.90
N PHE B 46 -9.28 2.38 3.12
CA PHE B 46 -9.56 0.99 3.47
C PHE B 46 -8.29 0.23 3.88
N ASP B 47 -7.23 0.99 4.19
CA ASP B 47 -5.98 0.40 4.61
C ASP B 47 -6.17 -0.47 5.86
N GLY B 48 -6.54 0.15 6.98
CA GLY B 48 -6.78 -0.61 8.19
C GLY B 48 -7.90 -1.63 8.11
N ILE B 49 -8.91 -1.35 7.29
CA ILE B 49 -10.13 -2.15 7.34
C ILE B 49 -10.63 -2.49 5.94
N PRO B 50 -9.97 -3.45 5.29
CA PRO B 50 -10.37 -3.77 3.91
C PRO B 50 -11.59 -4.66 3.83
N TYR B 51 -12.29 -4.85 4.94
CA TYR B 51 -13.38 -5.82 4.95
C TYR B 51 -14.68 -5.13 4.53
N PRO B 52 -15.13 -5.36 3.33
CA PRO B 52 -16.29 -4.67 2.79
C PRO B 52 -17.61 -4.83 3.51
N ASP B 53 -17.94 -6.01 3.98
CA ASP B 53 -19.22 -6.22 4.63
C ASP B 53 -19.36 -5.44 5.89
N VAL B 54 -18.26 -4.98 6.43
CA VAL B 54 -18.29 -4.22 7.65
C VAL B 54 -18.64 -2.77 7.42
N TRP B 55 -18.60 -2.31 6.19
CA TRP B 55 -18.86 -0.88 5.99
C TRP B 55 -20.35 -0.53 5.83
N ARG B 56 -20.70 0.71 6.21
CA ARG B 56 -22.06 1.23 6.07
C ARG B 56 -22.03 2.65 5.53
N ILE B 57 -22.90 2.93 4.56
CA ILE B 57 -22.83 4.19 3.86
C ILE B 57 -24.10 5.04 3.96
N TYR B 58 -23.92 6.29 4.35
CA TYR B 58 -25.03 7.20 4.58
C TYR B 58 -24.93 8.43 3.73
N GLY B 59 -26.02 8.71 3.00
CA GLY B 59 -26.13 9.92 2.22
C GLY B 59 -27.38 10.72 2.56
N GLY B 60 -27.48 11.92 2.01
CA GLY B 60 -28.63 12.76 2.27
C GLY B 60 -28.84 13.10 3.73
N ILE B 61 -27.76 13.38 4.44
CA ILE B 61 -27.83 13.83 5.82
C ILE B 61 -26.85 14.96 6.07
N LEU B 62 -26.97 15.59 7.24
CA LEU B 62 -26.10 16.70 7.61
C LEU B 62 -25.49 16.48 8.99
N SER B 63 -26.34 16.11 9.94
CA SER B 63 -25.91 15.78 11.30
C SER B 63 -25.82 14.28 11.45
N LEU B 64 -24.66 13.77 11.85
CA LEU B 64 -24.50 12.33 11.98
C LEU B 64 -25.39 11.75 13.08
N SER B 65 -25.86 12.62 13.97
CA SER B 65 -26.79 12.21 15.02
C SER B 65 -28.10 11.68 14.44
N GLU B 66 -28.42 12.11 13.23
CA GLU B 66 -29.62 11.64 12.53
C GLU B 66 -29.63 10.14 12.23
N ILE B 67 -28.47 9.49 12.30
CA ILE B 67 -28.38 8.06 11.98
C ILE B 67 -28.77 7.20 13.17
N THR B 68 -29.73 6.33 12.92
CA THR B 68 -30.29 5.48 13.94
C THR B 68 -30.69 4.18 13.33
N LYS B 69 -31.13 3.29 14.18
CA LYS B 69 -31.51 1.96 13.78
C LYS B 69 -32.36 1.98 12.53
N GLU B 70 -33.33 2.87 12.51
CA GLU B 70 -34.25 2.91 11.38
C GLU B 70 -33.74 3.82 10.28
N THR B 71 -32.43 3.99 10.18
CA THR B 71 -31.86 4.84 9.13
C THR B 71 -31.28 3.97 8.06
N PRO B 72 -31.84 4.06 6.86
CA PRO B 72 -31.35 3.15 5.84
C PRO B 72 -29.91 3.46 5.48
N SER B 73 -29.10 2.41 5.46
CA SER B 73 -27.71 2.48 5.06
C SER B 73 -27.52 1.78 3.73
N SER B 74 -26.42 2.08 3.05
CA SER B 74 -26.07 1.27 1.89
C SER B 74 -24.89 0.34 2.23
N ARG B 75 -24.77 -0.72 1.46
CA ARG B 75 -23.82 -1.78 1.77
C ARG B 75 -22.88 -1.90 0.62
N ILE B 76 -21.68 -2.43 0.86
CA ILE B 76 -20.74 -2.58 -0.23
C ILE B 76 -20.94 -3.93 -0.92
N LYS B 77 -21.41 -3.89 -2.16
CA LYS B 77 -21.51 -5.11 -2.93
C LYS B 77 -20.13 -5.54 -3.40
N GLU B 78 -19.30 -4.54 -3.69
CA GLU B 78 -18.02 -4.78 -4.31
C GLU B 78 -17.14 -3.57 -4.04
N LEU B 79 -15.93 -3.79 -3.55
CA LEU B 79 -15.00 -2.70 -3.34
C LEU B 79 -13.88 -2.75 -4.37
N ILE B 80 -13.79 -1.75 -5.25
CA ILE B 80 -12.78 -1.80 -6.29
C ILE B 80 -11.69 -0.76 -6.08
N ILE B 81 -10.60 -1.19 -5.43
CA ILE B 81 -9.45 -0.34 -5.22
C ILE B 81 -8.60 -0.45 -6.45
N HIS B 82 -8.03 0.66 -6.90
CA HIS B 82 -7.15 0.65 -8.07
C HIS B 82 -6.09 -0.41 -7.89
N GLN B 83 -5.74 -1.15 -8.92
CA GLN B 83 -4.77 -2.24 -8.75
C GLN B 83 -3.33 -1.78 -8.53
N GLU B 84 -3.00 -0.57 -8.97
CA GLU B 84 -1.66 -0.05 -8.72
C GLU B 84 -1.53 0.63 -7.35
N TYR B 85 -2.61 0.69 -6.57
CA TYR B 85 -2.50 1.36 -5.28
C TYR B 85 -1.66 0.53 -4.30
N LYS B 86 -0.81 1.21 -3.55
CA LYS B 86 0.08 0.55 -2.60
C LYS B 86 0.06 1.31 -1.30
N VAL B 87 -0.03 0.59 -0.19
CA VAL B 87 -0.22 1.23 1.10
C VAL B 87 0.92 2.22 1.48
N SER B 88 2.09 2.10 0.87
CA SER B 88 3.24 2.87 1.35
C SER B 88 3.37 4.25 0.72
N GLU B 89 2.52 4.53 -0.28
CA GLU B 89 2.62 5.76 -1.06
C GLU B 89 1.22 6.31 -1.34
N GLY B 90 1.17 7.55 -1.81
CA GLY B 90 -0.10 8.19 -2.12
C GLY B 90 -0.51 8.10 -3.59
N ASN B 91 0.18 7.28 -4.38
CA ASN B 91 -0.22 7.11 -5.78
C ASN B 91 -1.49 6.26 -5.91
N TYR B 92 -2.17 6.45 -7.03
CA TYR B 92 -3.40 5.74 -7.33
C TYR B 92 -4.44 5.72 -6.20
N ASP B 93 -4.53 6.81 -5.45
CA ASP B 93 -5.39 6.81 -4.28
C ASP B 93 -6.84 7.03 -4.72
N ILE B 94 -7.48 5.94 -5.11
CA ILE B 94 -8.83 6.01 -5.63
C ILE B 94 -9.53 4.66 -5.46
N ALA B 95 -10.83 4.70 -5.19
CA ALA B 95 -11.62 3.48 -5.01
C ALA B 95 -13.08 3.64 -5.45
N LEU B 96 -13.58 2.68 -6.21
CA LEU B 96 -15.00 2.59 -6.50
C LEU B 96 -15.69 1.66 -5.55
N ILE B 97 -16.81 2.12 -5.04
CA ILE B 97 -17.69 1.27 -4.26
C ILE B 97 -18.97 1.01 -5.04
N LYS B 98 -19.22 -0.26 -5.37
CA LYS B 98 -20.50 -0.66 -5.94
C LYS B 98 -21.46 -0.95 -4.83
N LEU B 99 -22.56 -0.21 -4.76
CA LEU B 99 -23.58 -0.40 -3.73
C LEU B 99 -24.41 -1.66 -3.98
N GLN B 100 -24.89 -2.28 -2.91
CA GLN B 100 -25.70 -3.50 -3.02
C GLN B 100 -27.09 -3.26 -3.64
N THR B 101 -27.75 -2.18 -3.20
CA THR B 101 -29.05 -1.79 -3.76
C THR B 101 -28.99 -0.36 -4.32
N PRO B 102 -29.37 -0.19 -5.61
CA PRO B 102 -29.19 1.12 -6.22
C PRO B 102 -30.06 2.17 -5.57
N LEU B 103 -29.53 3.35 -5.35
CA LEU B 103 -30.27 4.41 -4.71
C LEU B 103 -31.32 5.02 -5.57
N ASN B 104 -32.27 5.66 -4.91
CA ASN B 104 -33.31 6.37 -5.60
C ASN B 104 -33.05 7.78 -5.15
N TYR B 105 -32.70 8.67 -6.06
CA TYR B 105 -32.34 10.02 -5.72
C TYR B 105 -33.39 10.91 -5.16
N THR B 106 -32.97 11.86 -4.35
CA THR B 106 -33.89 12.83 -3.76
C THR B 106 -33.36 14.24 -3.85
N GLU B 107 -33.91 15.15 -3.05
CA GLU B 107 -33.45 16.53 -3.00
C GLU B 107 -32.09 16.55 -2.33
N PHE B 108 -31.86 15.58 -1.46
CA PHE B 108 -30.67 15.60 -0.65
C PHE B 108 -29.64 14.57 -1.05
N GLN B 109 -30.00 13.67 -1.93
CA GLN B 109 -29.08 12.68 -2.40
C GLN B 109 -29.08 12.64 -3.88
N LYS B 110 -28.07 13.21 -4.51
CA LYS B 110 -27.94 13.08 -5.94
C LYS B 110 -26.50 13.01 -6.36
N PRO B 111 -26.25 12.56 -7.56
CA PRO B 111 -24.86 12.38 -7.99
C PRO B 111 -24.16 13.70 -8.35
N ILE B 112 -22.86 13.62 -8.60
CA ILE B 112 -22.02 14.64 -9.22
C ILE B 112 -21.68 14.24 -10.65
N SER B 113 -21.62 15.20 -11.56
CA SER B 113 -21.02 14.96 -12.87
C SER B 113 -19.51 14.73 -12.78
N LEU B 114 -19.05 13.66 -13.42
CA LEU B 114 -17.61 13.50 -13.61
C LEU B 114 -17.13 14.55 -14.59
N PRO B 115 -15.88 15.01 -14.43
CA PRO B 115 -15.26 15.90 -15.42
C PRO B 115 -15.21 15.18 -16.76
N SER B 116 -15.38 15.86 -17.88
CA SER B 116 -15.54 15.14 -19.15
C SER B 116 -14.23 14.49 -19.57
N ASN B 121 -11.35 19.93 -18.79
CA ASN B 121 -9.93 19.88 -19.14
C ASN B 121 -9.30 21.25 -19.05
N THR B 122 -9.71 22.02 -18.05
CA THR B 122 -9.52 23.47 -18.04
C THR B 122 -8.84 24.04 -16.80
N ILE B 123 -9.10 25.33 -16.57
CA ILE B 123 -8.59 26.05 -15.42
C ILE B 123 -9.75 26.42 -14.48
N TYR B 124 -9.89 25.66 -13.40
CA TYR B 124 -11.08 25.76 -12.56
C TYR B 124 -10.99 26.95 -11.57
N THR B 125 -12.15 27.54 -11.35
CA THR B 125 -12.28 28.65 -10.46
C THR B 125 -13.46 28.24 -9.66
N ASN B 126 -13.63 28.82 -8.49
CA ASN B 126 -14.69 28.40 -7.63
C ASN B 126 -14.65 26.91 -7.31
N CYS B 127 -13.56 26.45 -6.73
CA CYS B 127 -13.50 25.05 -6.31
C CYS B 127 -13.68 24.94 -4.81
N TRP B 128 -14.42 23.92 -4.37
CA TRP B 128 -14.82 23.77 -2.98
C TRP B 128 -14.54 22.40 -2.39
N VAL B 129 -14.51 22.32 -1.06
CA VAL B 129 -14.30 21.05 -0.37
C VAL B 129 -15.27 20.86 0.78
N THR B 130 -15.64 19.62 1.07
CA THR B 130 -16.57 19.35 2.18
C THR B 130 -16.18 18.13 3.03
N GLY B 131 -16.84 17.97 4.18
CA GLY B 131 -16.59 16.80 5.01
C GLY B 131 -16.96 16.91 6.49
N TRP B 132 -16.93 15.77 7.19
CA TRP B 132 -17.19 15.71 8.63
C TRP B 132 -15.93 15.55 9.48
N GLY B 133 -14.79 16.01 9.00
CA GLY B 133 -13.57 15.95 9.79
C GLY B 133 -13.29 17.24 10.52
N TYR B 134 -12.50 17.17 11.60
CA TYR B 134 -12.35 18.34 12.47
C TYR B 134 -11.82 19.54 11.78
N THR B 135 -11.84 20.66 12.46
CA THR B 135 -11.01 21.72 11.99
C THR B 135 -9.84 21.67 12.94
N LYS B 136 -8.65 21.70 12.38
CA LYS B 136 -7.46 21.63 13.21
C LYS B 136 -7.17 20.26 13.78
N GLU B 137 -8.10 19.62 14.51
CA GLU B 137 -7.68 18.34 15.04
C GLU B 137 -8.60 17.83 16.14
N GLU B 140 -12.44 17.51 17.34
CA GLU B 140 -12.18 16.17 16.83
C GLU B 140 -12.99 15.90 15.55
N THR B 141 -14.07 15.13 15.69
CA THR B 141 -14.92 14.79 14.59
C THR B 141 -16.15 15.66 14.75
N GLN B 142 -16.58 16.33 13.69
CA GLN B 142 -17.75 17.20 13.77
C GLN B 142 -19.05 16.52 13.36
N ASN B 143 -20.11 16.77 14.12
CA ASN B 143 -21.39 16.15 13.83
C ASN B 143 -22.04 16.76 12.59
N ILE B 144 -21.67 17.99 12.26
CA ILE B 144 -22.30 18.68 11.14
C ILE B 144 -21.32 18.92 10.02
N LEU B 145 -21.67 18.45 8.82
CA LEU B 145 -20.86 18.63 7.61
C LEU B 145 -20.30 20.05 7.45
N GLN B 146 -19.17 20.21 6.77
CA GLN B 146 -18.49 21.51 6.74
C GLN B 146 -18.14 21.99 5.33
N LYS B 147 -17.76 23.25 5.21
CA LYS B 147 -17.57 23.86 3.92
C LYS B 147 -16.38 24.79 3.90
N ALA B 148 -15.55 24.70 2.87
CA ALA B 148 -14.53 25.73 2.62
C ALA B 148 -14.18 25.87 1.14
N THR B 149 -13.85 27.10 0.74
CA THR B 149 -13.53 27.40 -0.65
C THR B 149 -12.03 27.43 -0.77
N ILE B 150 -11.49 26.98 -1.89
CA ILE B 150 -10.05 26.84 -2.03
C ILE B 150 -9.66 27.09 -3.49
N PRO B 151 -8.44 27.61 -3.73
CA PRO B 151 -7.91 27.81 -5.08
C PRO B 151 -6.96 26.70 -5.51
N LEU B 152 -7.09 26.25 -6.74
CA LEU B 152 -6.21 25.23 -7.27
C LEU B 152 -4.80 25.78 -7.34
N VAL B 153 -3.83 24.93 -7.05
CA VAL B 153 -2.43 25.27 -7.20
C VAL B 153 -1.90 24.44 -8.37
N PRO B 154 -1.31 25.11 -9.37
CA PRO B 154 -0.70 24.36 -10.49
C PRO B 154 0.22 23.30 -9.93
N ASN B 155 0.21 22.10 -10.45
CA ASN B 155 1.04 21.09 -9.83
C ASN B 155 2.51 21.44 -9.87
N GLU B 156 2.97 21.97 -10.98
CA GLU B 156 4.40 22.16 -11.16
C GLU B 156 4.90 23.08 -10.08
N GLU B 157 4.09 24.05 -9.71
CA GLU B 157 4.33 24.78 -8.49
C GLU B 157 4.11 23.93 -7.25
N CYS B 158 3.23 22.94 -7.34
CA CYS B 158 2.79 22.17 -6.19
C CYS B 158 3.96 21.41 -5.63
N GLN B 159 4.92 21.14 -6.49
CA GLN B 159 6.04 20.30 -6.14
C GLN B 159 6.86 20.91 -5.03
N LYS B 160 6.74 22.22 -4.87
CA LYS B 160 7.54 22.94 -3.91
C LYS B 160 8.92 22.96 -4.49
N VAL B 166 6.73 13.01 -4.88
CA VAL B 166 6.57 13.26 -6.31
C VAL B 166 5.09 13.48 -6.67
N ILE B 167 4.81 14.56 -7.41
CA ILE B 167 3.44 14.91 -7.77
C ILE B 167 3.15 14.74 -9.26
N ASN B 168 2.42 13.70 -9.59
CA ASN B 168 2.20 13.32 -10.97
C ASN B 168 1.09 14.14 -11.63
N LYS B 169 0.90 13.90 -12.93
CA LYS B 169 -0.18 14.51 -13.68
C LYS B 169 -1.52 14.01 -13.12
N GLN B 170 -1.47 12.87 -12.43
CA GLN B 170 -2.67 12.31 -11.82
C GLN B 170 -3.05 12.93 -10.47
N MET B 171 -2.48 14.08 -10.11
CA MET B 171 -2.85 14.71 -8.85
C MET B 171 -3.33 16.15 -8.95
N ILE B 172 -4.08 16.66 -7.99
CA ILE B 172 -4.49 18.06 -8.02
C ILE B 172 -4.24 18.67 -6.66
N CYS B 173 -3.83 19.88 -6.63
CA CYS B 173 -3.47 20.49 -5.38
C CYS B 173 -4.33 21.69 -5.13
N ALA B 174 -4.65 21.91 -3.88
CA ALA B 174 -5.39 23.09 -3.57
C ALA B 174 -5.07 23.58 -2.19
N GLY B 175 -5.07 24.89 -2.08
CA GLY B 175 -4.80 25.54 -0.79
C GLY B 175 -4.22 26.93 -0.83
N TYR B 176 -4.59 27.70 0.16
CA TYR B 176 -3.98 29.00 0.39
C TYR B 176 -2.55 28.72 0.86
N LYS B 177 -1.57 29.49 0.39
CA LYS B 177 -0.23 29.34 0.93
C LYS B 177 0.00 30.38 2.01
N GLU B 178 -1.05 31.06 2.37
CA GLU B 178 -1.13 31.73 3.64
C GLU B 178 -1.53 30.65 4.64
N GLY B 179 -2.30 29.67 4.17
CA GLY B 179 -2.77 28.56 5.00
C GLY B 179 -4.10 28.81 5.68
N GLY B 180 -4.44 27.90 6.59
CA GLY B 180 -5.60 28.02 7.44
C GLY B 180 -6.91 27.36 7.04
N THR B 181 -7.04 26.91 5.79
CA THR B 181 -8.19 26.10 5.41
C THR B 181 -7.71 24.91 4.61
N ASP B 182 -8.05 23.73 5.11
CA ASP B 182 -7.79 22.45 4.49
C ASP B 182 -8.65 21.37 5.14
N ALA B 183 -8.42 20.13 4.71
CA ALA B 183 -9.15 18.97 5.24
C ALA B 183 -8.26 18.06 6.04
N CYS B 184 -8.84 17.40 7.03
CA CYS B 184 -8.08 16.62 7.98
C CYS B 184 -8.76 15.30 8.09
N LYS B 185 -8.31 14.48 9.02
CA LYS B 185 -8.75 13.11 9.05
C LYS B 185 -10.26 13.07 9.14
N GLY B 186 -10.84 12.17 8.37
CA GLY B 186 -12.26 11.99 8.29
C GLY B 186 -12.81 12.73 7.10
N ASP B 187 -11.97 13.51 6.45
CA ASP B 187 -12.35 14.16 5.23
C ASP B 187 -11.75 13.47 4.03
N SER B 188 -11.03 12.38 4.26
CA SER B 188 -10.41 11.67 3.16
C SER B 188 -11.47 11.00 2.35
N GLY B 189 -11.21 10.89 1.07
CA GLY B 189 -12.19 10.32 0.14
C GLY B 189 -13.34 11.24 -0.21
N GLY B 190 -13.48 12.34 0.54
CA GLY B 190 -14.45 13.38 0.25
C GLY B 190 -14.06 14.11 -1.02
N PRO B 191 -15.00 14.89 -1.59
CA PRO B 191 -14.90 15.57 -2.88
C PRO B 191 -14.24 16.96 -2.90
N LEU B 192 -13.45 17.21 -3.93
CA LEU B 192 -13.07 18.54 -4.39
C LEU B 192 -13.87 18.89 -5.64
N VAL B 193 -14.81 19.82 -5.52
CA VAL B 193 -15.71 20.18 -6.61
C VAL B 193 -15.48 21.58 -7.19
N CYS B 194 -15.89 21.75 -8.46
CA CYS B 194 -15.79 23.05 -9.13
C CYS B 194 -17.03 23.33 -10.00
N LYS B 195 -17.36 24.61 -10.18
CA LYS B 195 -18.70 25.03 -10.61
C LYS B 195 -18.85 25.47 -12.08
N HIS B 196 -18.19 24.81 -13.03
CA HIS B 196 -18.03 25.50 -14.32
C HIS B 196 -18.65 24.94 -15.58
N SER B 197 -18.85 25.89 -16.50
CA SER B 197 -19.80 25.82 -17.60
C SER B 197 -21.20 25.72 -16.98
N GLY B 198 -21.34 26.38 -15.82
CA GLY B 198 -22.61 26.44 -15.12
C GLY B 198 -22.91 25.21 -14.28
N ARG B 199 -22.07 24.20 -14.44
CA ARG B 199 -22.27 22.88 -13.86
C ARG B 199 -21.24 22.52 -12.78
N TRP B 200 -21.68 21.95 -11.65
CA TRP B 200 -20.71 21.36 -10.71
C TRP B 200 -20.04 20.09 -11.24
N GLN B 201 -18.74 19.95 -10.97
CA GLN B 201 -18.00 18.76 -11.39
C GLN B 201 -17.17 18.22 -10.22
N LEU B 202 -16.83 16.94 -10.29
CA LEU B 202 -15.95 16.36 -9.28
C LEU B 202 -14.55 16.32 -9.84
N VAL B 203 -13.67 17.15 -9.29
CA VAL B 203 -12.37 17.32 -9.90
C VAL B 203 -11.33 16.54 -9.15
N GLY B 204 -11.48 16.49 -7.84
CA GLY B 204 -10.49 15.85 -7.00
C GLY B 204 -11.06 15.01 -5.89
N ILE B 205 -10.28 14.01 -5.45
CA ILE B 205 -10.61 13.22 -4.26
C ILE B 205 -9.57 13.48 -3.17
N THR B 206 -9.98 13.83 -1.98
CA THR B 206 -8.98 14.21 -1.02
C THR B 206 -8.13 13.01 -0.71
N SER B 207 -6.83 13.14 -0.83
CA SER B 207 -5.93 12.05 -0.53
C SER B 207 -5.01 12.35 0.63
N TRP B 208 -4.02 13.20 0.41
CA TRP B 208 -3.13 13.54 1.52
C TRP B 208 -2.41 14.87 1.45
N GLY B 209 -1.97 15.33 2.60
CA GLY B 209 -0.96 16.39 2.69
C GLY B 209 -0.28 16.35 4.05
N GLU B 210 0.93 16.89 4.14
CA GLU B 210 1.61 16.88 5.43
C GLU B 210 0.79 17.74 6.39
N GLY B 211 0.48 17.17 7.54
CA GLY B 211 -0.26 17.90 8.53
C GLY B 211 -1.63 18.10 7.96
N CYS B 212 -2.37 19.04 8.54
CA CYS B 212 -3.58 19.55 7.94
C CYS B 212 -3.11 20.95 7.66
N ALA B 213 -3.25 21.38 6.42
CA ALA B 213 -2.53 22.53 5.94
C ALA B 213 -2.37 23.59 6.99
N ARG B 214 -1.12 24.00 7.18
CA ARG B 214 -0.80 25.21 7.89
C ARG B 214 0.14 26.00 7.01
N LYS B 215 -0.14 27.27 6.84
CA LYS B 215 0.73 28.12 6.06
C LYS B 215 0.95 27.47 4.70
N ASP B 216 2.20 27.37 4.27
CA ASP B 216 2.44 26.86 2.94
C ASP B 216 2.48 25.35 2.83
N GLN B 217 1.32 24.72 2.95
CA GLN B 217 1.24 23.32 2.59
C GLN B 217 -0.05 22.95 1.88
N PRO B 218 -0.01 23.07 0.50
CA PRO B 218 -1.27 22.72 -0.17
C PRO B 218 -1.58 21.26 0.01
N GLY B 219 -2.88 20.93 -0.03
CA GLY B 219 -3.32 19.56 0.15
C GLY B 219 -3.26 18.88 -1.18
N VAL B 220 -3.20 17.56 -1.19
CA VAL B 220 -3.13 16.89 -2.49
C VAL B 220 -4.45 16.15 -2.74
N TYR B 221 -4.81 16.03 -4.01
CA TYR B 221 -6.04 15.35 -4.40
C TYR B 221 -5.80 14.46 -5.59
N THR B 222 -6.41 13.28 -5.59
CA THR B 222 -6.45 12.46 -6.80
C THR B 222 -7.21 13.27 -7.88
N LYS B 223 -6.74 13.20 -9.13
CA LYS B 223 -7.32 14.00 -10.20
C LYS B 223 -8.30 13.16 -11.00
N VAL B 224 -9.59 13.39 -10.77
CA VAL B 224 -10.59 12.46 -11.27
C VAL B 224 -10.59 12.31 -12.79
N SER B 225 -10.37 13.41 -13.51
CA SER B 225 -10.43 13.39 -14.97
C SER B 225 -9.42 12.42 -15.60
N GLU B 226 -8.29 12.20 -14.94
CA GLU B 226 -7.29 11.30 -15.52
C GLU B 226 -7.56 9.86 -15.15
N TYR B 227 -8.64 9.61 -14.40
CA TYR B 227 -9.01 8.24 -14.08
C TYR B 227 -10.34 7.82 -14.71
N MET B 228 -10.84 8.63 -15.65
CA MET B 228 -12.12 8.37 -16.28
C MET B 228 -12.13 7.05 -17.02
N ASP B 229 -11.09 6.77 -17.79
CA ASP B 229 -11.02 5.48 -18.49
C ASP B 229 -11.15 4.35 -17.51
N TRP B 230 -10.40 4.44 -16.42
CA TRP B 230 -10.46 3.45 -15.38
C TRP B 230 -11.90 3.29 -14.88
N ILE B 231 -12.49 4.41 -14.48
CA ILE B 231 -13.83 4.40 -13.89
C ILE B 231 -14.87 3.82 -14.85
N LEU B 232 -14.75 4.17 -16.13
CA LEU B 232 -15.72 3.69 -17.10
C LEU B 232 -15.48 2.22 -17.31
N GLU B 233 -14.20 1.84 -17.38
CA GLU B 233 -13.85 0.44 -17.54
C GLU B 233 -14.47 -0.37 -16.41
N LYS B 234 -14.33 0.11 -15.18
CA LYS B 234 -14.79 -0.65 -14.02
C LYS B 234 -16.30 -0.57 -13.79
N THR B 235 -16.99 0.29 -14.53
CA THR B 235 -18.46 0.37 -14.42
C THR B 235 -19.08 -0.17 -15.71
N GLN B 236 -19.59 -1.39 -15.62
CA GLN B 236 -19.95 -2.19 -16.78
C GLN B 236 -21.22 -3.01 -16.51
C1 BMA C . 21.93 -18.05 -18.01
C2 BMA C . 23.03 -19.06 -18.21
C3 BMA C . 23.88 -18.63 -19.39
C4 BMA C . 22.98 -18.53 -20.63
C5 BMA C . 21.67 -17.80 -20.37
C6 BMA C . 20.68 -18.08 -21.51
O2 BMA C . 22.45 -20.31 -18.57
O3 BMA C . 24.90 -19.60 -19.62
O4 BMA C . 23.65 -17.79 -21.64
O5 BMA C . 21.07 -18.20 -19.14
O6 BMA C . 21.30 -18.49 -22.73
C1 BMA D . 16.14 9.78 -11.30
C2 BMA D . 15.48 11.14 -11.37
C3 BMA D . 16.33 12.12 -12.17
C4 BMA D . 17.77 12.09 -11.72
C5 BMA D . 18.26 10.66 -11.77
C6 BMA D . 19.74 10.59 -11.41
O2 BMA D . 15.34 11.63 -10.04
O3 BMA D . 15.84 13.45 -12.00
O4 BMA D . 18.54 12.82 -12.65
O5 BMA D . 17.47 9.92 -10.84
O6 BMA D . 20.49 10.32 -12.60
C1 MAN E . -36.08 2.10 -4.91
C2 MAN E . -37.01 1.03 -4.40
C3 MAN E . -36.44 0.11 -3.30
C4 MAN E . -35.27 0.68 -2.47
C5 MAN E . -34.64 1.92 -3.08
C6 MAN E . -33.18 1.96 -2.72
O2 MAN E . -37.41 0.23 -5.51
O3 MAN E . -36.05 -1.16 -3.86
O4 MAN E . -35.71 1.01 -1.14
O5 MAN E . -34.74 1.84 -4.49
O6 MAN E . -33.11 2.15 -1.31
C1 MAN F . -22.33 25.43 12.55
C2 MAN F . -21.08 26.14 13.07
C3 MAN F . -21.28 26.78 14.44
C4 MAN F . -22.17 25.98 15.41
C5 MAN F . -23.05 24.94 14.73
C6 MAN F . -24.27 24.60 15.58
O2 MAN F . -20.73 27.18 12.15
O3 MAN F . -21.91 28.03 14.21
O4 MAN F . -21.36 25.31 16.38
O5 MAN F . -23.43 25.46 13.47
O6 MAN F . -24.00 23.40 16.32
#